data_4RLZ
#
_entry.id   4RLZ
#
_cell.length_a   49.495
_cell.length_b   112.663
_cell.length_c   59.711
_cell.angle_alpha   90.00
_cell.angle_beta   108.50
_cell.angle_gamma   90.00
#
_symmetry.space_group_name_H-M   'P 1 21 1'
#
loop_
_entity.id
_entity.type
_entity.pdbx_description
1 polymer 'Capsid protein'
2 non-polymer GLYCEROL
3 water water
#
_entity_poly.entity_id   1
_entity_poly.type   'polypeptide(L)'
_entity_poly.pdbx_seq_one_letter_code
;GPLGSPEFSKTKPFTLPILTIGELTNSRFPAPIDQLYTSPNADVVVQPQNGRCSLDGELQGTTQLLTTAICSYRGMTSNP
TRDYWDGHLLHLVHPNGATYDPTEDVPAPFGTQDFRGILYGVLTQNPRASGDEAANSQGVYISSTSEKFTPKLGTIGLHQ
VQGNIASNQQSKFTPVGIAVNGNTPFRQWELPNYSGALTLNTNLAPAVGPNFPGEQILFFRSNVPSVQGGQPIEIDCLIP
QEWVSHFYQESAPSQSDVALVRYVNPDTGRTIFEAKLHRQGFITIAATGSNPVVVPPNGYFRFDSWVNQFYALAPM
;
_entity_poly.pdbx_strand_id   A,B
#
# COMPACT_ATOMS: atom_id res chain seq x y z
N THR A 11 -4.96 2.47 -32.89
CA THR A 11 -4.01 2.68 -31.80
C THR A 11 -4.71 2.81 -30.45
N LYS A 12 -4.25 2.03 -29.48
CA LYS A 12 -4.86 2.03 -28.15
C LYS A 12 -4.83 3.41 -27.54
N PRO A 13 -5.99 3.97 -27.20
CA PRO A 13 -6.03 5.33 -26.64
C PRO A 13 -5.40 5.41 -25.25
N PHE A 14 -4.68 6.49 -25.03
CA PHE A 14 -4.12 6.81 -23.73
C PHE A 14 -5.24 7.32 -22.82
N THR A 15 -5.20 6.90 -21.56
CA THR A 15 -6.17 7.36 -20.56
C THR A 15 -5.51 7.54 -19.19
N LEU A 16 -6.16 8.32 -18.33
CA LEU A 16 -5.81 8.40 -16.92
C LEU A 16 -6.91 7.74 -16.11
N PRO A 17 -6.56 7.12 -14.97
CA PRO A 17 -7.63 6.50 -14.17
C PRO A 17 -8.48 7.58 -13.53
N ILE A 18 -9.76 7.27 -13.32
CA ILE A 18 -10.66 8.20 -12.68
C ILE A 18 -10.55 8.01 -11.18
N LEU A 19 -9.70 8.82 -10.56
CA LEU A 19 -9.41 8.74 -9.13
C LEU A 19 -9.23 10.15 -8.62
N THR A 20 -10.00 10.49 -7.59
CA THR A 20 -9.93 11.82 -7.00
C THR A 20 -8.71 11.90 -6.10
N ILE A 21 -8.43 13.09 -5.57
CA ILE A 21 -7.23 13.26 -4.78
C ILE A 21 -7.21 12.34 -3.55
N GLY A 22 -8.40 12.11 -2.97
CA GLY A 22 -8.55 11.22 -1.83
C GLY A 22 -8.53 9.74 -2.17
N GLU A 23 -8.31 9.43 -3.45
CA GLU A 23 -8.23 8.06 -3.94
C GLU A 23 -6.85 7.77 -4.54
N LEU A 24 -5.83 8.57 -4.15
CA LEU A 24 -4.48 8.44 -4.71
C LEU A 24 -3.45 8.19 -3.63
N THR A 25 -2.43 7.42 -4.00
CA THR A 25 -1.34 7.04 -3.10
C THR A 25 -0.02 7.65 -3.59
N ASN A 26 0.79 8.16 -2.65
CA ASN A 26 2.13 8.61 -2.98
C ASN A 26 2.96 7.42 -3.47
N SER A 27 3.75 7.65 -4.53
CA SER A 27 4.58 6.61 -5.10
C SER A 27 6.00 6.61 -4.53
N ARG A 28 6.29 7.57 -3.65
CA ARG A 28 7.62 7.65 -3.03
C ARG A 28 7.61 7.30 -1.54
N PHE A 29 6.43 7.20 -0.95
CA PHE A 29 6.28 6.82 0.45
C PHE A 29 4.85 6.29 0.59
N PRO A 30 4.63 5.20 1.35
CA PRO A 30 3.27 4.65 1.40
C PRO A 30 2.34 5.50 2.26
N ALA A 31 1.69 6.47 1.63
CA ALA A 31 0.81 7.41 2.30
C ALA A 31 -0.15 7.94 1.27
N PRO A 32 -1.38 8.28 1.68
CA PRO A 32 -2.29 8.92 0.73
C PRO A 32 -1.78 10.29 0.30
N ILE A 33 -2.12 10.69 -0.90
CA ILE A 33 -1.91 12.06 -1.33
C ILE A 33 -2.83 13.01 -0.55
N ASP A 34 -2.24 14.08 -0.01
CA ASP A 34 -2.96 15.09 0.78
C ASP A 34 -3.24 16.36 0.00
N GLN A 35 -2.34 16.70 -0.92
CA GLN A 35 -2.40 17.98 -1.64
C GLN A 35 -1.75 17.82 -2.99
N LEU A 36 -2.09 18.71 -3.92
CA LEU A 36 -1.21 19.00 -5.05
C LEU A 36 -0.38 20.21 -4.67
N TYR A 37 0.85 20.28 -5.16
CA TYR A 37 1.77 21.31 -4.72
C TYR A 37 2.71 21.69 -5.86
N THR A 38 3.06 22.96 -5.95
CA THR A 38 3.99 23.39 -6.98
C THR A 38 5.09 24.24 -6.36
N SER A 39 6.27 24.20 -6.97
CA SER A 39 7.44 24.95 -6.51
C SER A 39 8.41 25.10 -7.65
N PRO A 40 9.21 26.17 -7.65
CA PRO A 40 10.29 26.26 -8.65
C PRO A 40 11.45 25.33 -8.37
N ASN A 41 11.58 24.85 -7.14
CA ASN A 41 12.75 24.06 -6.75
C ASN A 41 14.06 24.61 -7.30
N ALA A 42 14.28 25.91 -7.07
CA ALA A 42 15.46 26.60 -7.59
C ALA A 42 16.75 25.93 -7.15
N ASP A 43 17.69 25.76 -8.08
CA ASP A 43 19.01 25.22 -7.78
C ASP A 43 19.01 23.78 -7.25
N VAL A 44 17.88 23.08 -7.39
CA VAL A 44 17.77 21.71 -6.90
C VAL A 44 17.37 20.80 -8.07
N VAL A 45 18.09 19.71 -8.25
CA VAL A 45 17.77 18.75 -9.31
C VAL A 45 16.70 17.76 -8.81
N VAL A 46 15.59 17.67 -9.53
CA VAL A 46 14.50 16.79 -9.19
C VAL A 46 14.64 15.50 -9.99
N GLN A 47 15.06 14.45 -9.30
CA GLN A 47 15.40 13.19 -9.95
C GLN A 47 15.02 11.99 -9.07
N PRO A 48 13.76 11.94 -8.61
CA PRO A 48 13.34 10.81 -7.78
C PRO A 48 13.42 9.50 -8.56
N GLN A 49 13.55 8.40 -7.82
CA GLN A 49 13.71 7.09 -8.42
C GLN A 49 12.52 6.16 -8.22
N ASN A 50 11.70 6.44 -7.20
CA ASN A 50 10.40 5.80 -7.05
C ASN A 50 9.32 6.67 -7.68
N GLY A 51 8.22 6.05 -8.10
CA GLY A 51 7.17 6.79 -8.78
C GLY A 51 7.58 7.26 -10.17
N ARG A 52 8.35 6.45 -10.88
CA ARG A 52 8.83 6.79 -12.21
C ARG A 52 8.32 5.80 -13.24
N CYS A 53 7.51 6.31 -14.16
CA CYS A 53 6.95 5.48 -15.21
C CYS A 53 6.62 6.39 -16.39
N SER A 54 7.04 5.99 -17.57
CA SER A 54 6.69 6.73 -18.78
C SER A 54 5.21 6.51 -19.12
N LEU A 55 4.66 7.38 -19.96
CA LEU A 55 3.25 7.32 -20.27
C LEU A 55 2.86 6.08 -21.06
N ASP A 56 3.84 5.41 -21.67
CA ASP A 56 3.54 4.14 -22.33
C ASP A 56 3.86 2.91 -21.50
N GLY A 57 4.08 3.11 -20.20
CA GLY A 57 4.08 2.01 -19.26
C GLY A 57 5.43 1.41 -18.92
N GLU A 58 6.51 2.12 -19.24
CA GLU A 58 7.83 1.64 -18.89
C GLU A 58 8.28 2.19 -17.53
N LEU A 59 8.44 1.30 -16.56
CA LEU A 59 8.93 1.68 -15.24
C LEU A 59 10.39 2.08 -15.31
N GLN A 60 10.79 3.01 -14.45
CA GLN A 60 12.16 3.50 -14.42
C GLN A 60 12.70 3.52 -12.99
N GLY A 61 14.02 3.69 -12.85
CA GLY A 61 14.63 3.81 -11.54
C GLY A 61 14.40 2.58 -10.69
N THR A 62 13.97 2.80 -9.44
CA THR A 62 13.70 1.71 -8.52
C THR A 62 12.19 1.46 -8.43
N THR A 63 11.45 1.92 -9.41
CA THR A 63 9.99 1.85 -9.36
C THR A 63 9.48 0.44 -9.60
N GLN A 64 8.54 0.03 -8.76
CA GLN A 64 7.83 -1.22 -8.92
C GLN A 64 6.34 -0.96 -8.63
N LEU A 65 5.52 -2.01 -8.60
CA LEU A 65 4.07 -1.84 -8.68
C LEU A 65 3.30 -1.80 -7.36
N LEU A 66 3.89 -2.36 -6.30
CA LEU A 66 3.17 -2.49 -5.02
C LEU A 66 3.39 -1.29 -4.11
N THR A 67 2.31 -0.82 -3.51
CA THR A 67 2.44 0.20 -2.48
C THR A 67 3.29 -0.31 -1.32
N THR A 68 3.09 -1.58 -0.94
CA THR A 68 3.75 -2.17 0.22
C THR A 68 5.26 -2.34 0.05
N ALA A 69 5.77 -2.18 -1.15
CA ALA A 69 7.19 -2.33 -1.38
C ALA A 69 7.95 -1.01 -1.33
N ILE A 70 7.22 0.11 -1.36
CA ILE A 70 7.85 1.42 -1.39
C ILE A 70 8.49 1.72 -0.02
N CYS A 71 9.80 1.98 0.00
CA CYS A 71 10.51 2.21 1.25
C CYS A 71 10.43 1.02 2.20
N SER A 72 10.30 -0.17 1.61
CA SER A 72 10.34 -1.40 2.38
C SER A 72 11.61 -2.14 2.05
N TYR A 73 12.07 -2.99 2.97
CA TYR A 73 13.25 -3.81 2.74
C TYR A 73 13.02 -5.18 3.31
N ARG A 74 13.76 -6.14 2.74
CA ARG A 74 13.60 -7.52 3.07
C ARG A 74 14.96 -8.18 2.94
N GLY A 75 15.30 -9.07 3.87
CA GLY A 75 16.54 -9.82 3.76
C GLY A 75 16.98 -10.45 5.06
N MET A 76 18.26 -10.83 5.12
CA MET A 76 18.83 -11.48 6.29
C MET A 76 19.64 -10.50 7.10
N THR A 77 19.42 -10.43 8.41
CA THR A 77 20.31 -9.61 9.24
C THR A 77 21.66 -10.29 9.41
N SER A 78 22.67 -9.46 9.61
CA SER A 78 24.03 -9.90 9.81
C SER A 78 24.26 -10.28 11.27
N ASN A 79 25.51 -10.60 11.61
CA ASN A 79 25.96 -10.62 13.00
C ASN A 79 26.14 -9.19 13.47
N PRO A 80 26.31 -8.97 14.78
CA PRO A 80 26.50 -7.60 15.26
C PRO A 80 27.73 -6.96 14.62
N THR A 81 27.62 -5.70 14.23
CA THR A 81 28.69 -5.02 13.51
C THR A 81 29.70 -4.31 14.41
N ARG A 82 29.26 -3.99 15.64
CA ARG A 82 30.03 -3.14 16.54
C ARG A 82 30.19 -1.71 16.02
N ASP A 83 29.41 -1.33 15.00
CA ASP A 83 29.41 0.03 14.48
C ASP A 83 28.72 0.98 15.44
N TYR A 84 29.10 2.26 15.39
CA TYR A 84 28.55 3.27 16.30
C TYR A 84 27.05 3.50 16.10
N TRP A 85 26.56 3.24 14.88
CA TRP A 85 25.20 3.61 14.49
C TRP A 85 24.41 2.40 13.99
N ASP A 86 24.92 1.74 12.96
CA ASP A 86 24.24 0.59 12.37
C ASP A 86 24.72 -0.69 13.03
N GLY A 87 24.02 -1.11 14.08
CA GLY A 87 24.40 -2.28 14.84
C GLY A 87 24.25 -3.59 14.11
N HIS A 88 23.41 -3.60 13.07
CA HIS A 88 23.24 -4.73 12.19
C HIS A 88 23.18 -4.25 10.75
N LEU A 89 23.60 -5.12 9.84
CA LEU A 89 23.32 -4.90 8.43
C LEU A 89 22.16 -5.79 8.00
N LEU A 90 21.49 -5.38 6.92
CA LEU A 90 20.48 -6.20 6.28
C LEU A 90 20.97 -6.54 4.89
N HIS A 91 21.10 -7.83 4.61
CA HIS A 91 21.49 -8.32 3.29
C HIS A 91 20.22 -8.47 2.44
N LEU A 92 20.08 -7.60 1.45
CA LEU A 92 18.81 -7.41 0.75
C LEU A 92 18.46 -8.38 -0.37
N VAL A 93 17.17 -8.67 -0.46
CA VAL A 93 16.54 -9.17 -1.68
C VAL A 93 15.57 -8.06 -2.13
N HIS A 94 14.95 -8.20 -3.30
CA HIS A 94 13.89 -7.25 -3.67
C HIS A 94 12.70 -7.46 -2.76
N PRO A 95 11.84 -6.44 -2.60
CA PRO A 95 10.66 -6.60 -1.73
C PRO A 95 9.79 -7.81 -2.07
N ASN A 96 9.71 -8.22 -3.33
CA ASN A 96 8.89 -9.37 -3.69
C ASN A 96 9.57 -10.71 -3.40
N GLY A 97 10.76 -10.65 -2.83
CA GLY A 97 11.48 -11.85 -2.44
C GLY A 97 12.45 -12.32 -3.49
N ALA A 98 12.37 -11.76 -4.69
CA ALA A 98 13.28 -12.13 -5.77
C ALA A 98 14.72 -11.79 -5.37
N THR A 99 15.64 -12.68 -5.74
CA THR A 99 17.05 -12.47 -5.42
C THR A 99 17.53 -11.19 -6.09
N TYR A 100 18.25 -10.37 -5.33
CA TYR A 100 18.84 -9.15 -5.84
C TYR A 100 20.35 -9.33 -6.03
N ASP A 101 20.89 -8.83 -7.12
CA ASP A 101 22.34 -8.73 -7.21
C ASP A 101 22.73 -7.40 -7.82
N PRO A 102 23.93 -6.89 -7.45
CA PRO A 102 24.34 -5.55 -7.88
C PRO A 102 24.45 -5.37 -9.37
N THR A 103 24.48 -6.45 -10.15
CA THR A 103 24.64 -6.29 -11.60
C THR A 103 23.36 -6.02 -12.36
N GLU A 104 22.24 -6.02 -11.66
CA GLU A 104 20.97 -5.67 -12.30
C GLU A 104 20.99 -4.22 -12.77
N ASP A 105 20.27 -3.94 -13.84
CA ASP A 105 20.23 -2.59 -14.40
C ASP A 105 19.22 -1.72 -13.66
N VAL A 106 19.50 -1.51 -12.38
CA VAL A 106 18.67 -0.71 -11.49
C VAL A 106 19.60 0.06 -10.58
N PRO A 107 19.13 1.21 -10.06
CA PRO A 107 19.99 1.94 -9.12
C PRO A 107 20.26 1.20 -7.81
N ALA A 108 19.32 0.32 -7.44
CA ALA A 108 19.27 -0.32 -6.13
C ALA A 108 18.04 -1.25 -6.18
N PRO A 109 17.84 -2.07 -5.14
CA PRO A 109 16.63 -2.91 -5.16
C PRO A 109 15.37 -2.06 -5.32
N PHE A 110 14.35 -2.66 -5.94
CA PHE A 110 13.12 -1.93 -6.14
C PHE A 110 12.57 -1.45 -4.81
N GLY A 111 12.05 -0.23 -4.81
CA GLY A 111 11.44 0.35 -3.63
C GLY A 111 12.41 1.02 -2.66
N THR A 112 13.71 0.90 -2.89
CA THR A 112 14.70 1.51 -2.02
C THR A 112 14.39 3.00 -1.84
N GLN A 113 14.55 3.53 -0.63
CA GLN A 113 14.29 4.97 -0.43
C GLN A 113 15.15 5.80 -1.37
N ASP A 114 14.59 6.89 -1.89
CA ASP A 114 15.25 7.72 -2.92
C ASP A 114 15.49 9.15 -2.45
N PHE A 115 15.64 9.31 -1.14
CA PHE A 115 15.93 10.59 -0.52
C PHE A 115 17.10 10.41 0.45
N ARG A 116 17.67 11.52 0.91
CA ARG A 116 18.65 11.53 1.97
C ARG A 116 17.94 11.89 3.27
N GLY A 117 17.88 10.94 4.19
CA GLY A 117 17.20 11.16 5.45
C GLY A 117 17.11 9.87 6.22
N ILE A 118 16.44 9.92 7.36
CA ILE A 118 16.20 8.72 8.14
C ILE A 118 14.78 8.23 7.94
N LEU A 119 14.68 6.99 7.45
CA LEU A 119 13.42 6.29 7.32
C LEU A 119 13.21 5.47 8.60
N TYR A 120 12.09 5.69 9.28
CA TYR A 120 11.75 4.95 10.48
C TYR A 120 10.68 3.91 10.15
N GLY A 121 10.80 2.74 10.75
CA GLY A 121 9.76 1.73 10.63
C GLY A 121 10.05 0.58 11.55
N VAL A 122 9.39 -0.54 11.30
CA VAL A 122 9.45 -1.67 12.21
C VAL A 122 10.03 -2.89 11.50
N LEU A 123 11.02 -3.49 12.14
CA LEU A 123 11.64 -4.72 11.65
C LEU A 123 10.98 -5.91 12.35
N THR A 124 10.48 -6.85 11.56
CA THR A 124 9.92 -8.09 12.08
C THR A 124 10.79 -9.23 11.59
N GLN A 125 11.00 -10.22 12.45
CA GLN A 125 11.95 -11.28 12.15
C GLN A 125 11.33 -12.65 12.44
N ASN A 126 12.11 -13.59 12.96
CA ASN A 126 11.57 -14.92 13.28
C ASN A 126 10.38 -14.84 14.23
N PRO A 127 9.21 -15.37 13.82
CA PRO A 127 8.08 -15.46 14.75
C PRO A 127 8.47 -16.38 15.89
N ARG A 128 8.07 -16.06 17.11
CA ARG A 128 8.37 -16.91 18.24
C ARG A 128 7.31 -16.79 19.33
N ALA A 129 7.05 -17.89 20.01
CA ALA A 129 6.12 -17.87 21.14
C ALA A 129 6.76 -17.01 22.21
N SER A 130 5.96 -16.13 22.83
CA SER A 130 6.48 -15.25 23.87
C SER A 130 5.34 -14.54 24.60
N GLY A 131 5.56 -14.32 25.90
CA GLY A 131 4.60 -13.59 26.70
C GLY A 131 4.87 -12.10 26.63
N ASP A 132 5.95 -11.71 25.96
CA ASP A 132 6.28 -10.30 25.84
C ASP A 132 5.65 -9.63 24.63
N GLU A 133 4.95 -8.54 24.90
CA GLU A 133 4.31 -7.76 23.86
C GLU A 133 5.34 -7.21 22.89
N ALA A 134 5.02 -7.24 21.61
CA ALA A 134 5.91 -6.69 20.57
C ALA A 134 7.27 -7.35 20.56
N ALA A 135 7.34 -8.60 20.99
CA ALA A 135 8.62 -9.30 21.06
C ALA A 135 9.35 -9.36 19.71
N ASN A 136 8.58 -9.48 18.63
CA ASN A 136 9.14 -9.62 17.29
C ASN A 136 8.86 -8.41 16.41
N SER A 137 8.89 -7.22 17.01
CA SER A 137 8.72 -5.99 16.26
C SER A 137 9.65 -4.92 16.85
N GLN A 138 10.73 -4.61 16.15
CA GLN A 138 11.72 -3.64 16.62
C GLN A 138 11.63 -2.35 15.82
N GLY A 139 11.59 -1.22 16.51
CA GLY A 139 11.64 0.06 15.83
C GLY A 139 13.05 0.32 15.36
N VAL A 140 13.19 0.74 14.10
CA VAL A 140 14.50 0.88 13.47
C VAL A 140 14.57 2.13 12.61
N TYR A 141 15.74 2.77 12.61
CA TYR A 141 16.09 3.87 11.73
C TYR A 141 16.99 3.36 10.60
N ILE A 142 16.61 3.62 9.35
CA ILE A 142 17.45 3.33 8.20
C ILE A 142 17.85 4.66 7.58
N SER A 143 19.09 5.07 7.85
CA SER A 143 19.59 6.32 7.31
C SER A 143 20.22 6.11 5.95
N SER A 144 19.76 6.89 4.96
CA SER A 144 20.37 6.83 3.65
C SER A 144 21.54 7.80 3.51
N THR A 145 22.04 8.33 4.63
CA THR A 145 23.27 9.12 4.62
C THR A 145 24.43 8.36 5.25
N SER A 146 24.14 7.18 5.78
CA SER A 146 25.13 6.33 6.43
C SER A 146 26.06 5.69 5.41
N GLU A 147 27.32 5.51 5.80
CA GLU A 147 28.26 4.77 4.98
C GLU A 147 27.86 3.30 4.80
N LYS A 148 26.98 2.81 5.67
CA LYS A 148 26.47 1.44 5.53
C LYS A 148 25.27 1.36 4.60
N PHE A 149 24.77 2.51 4.15
CA PHE A 149 23.67 2.51 3.20
C PHE A 149 24.22 2.30 1.79
N THR A 150 24.38 1.03 1.43
CA THR A 150 24.91 0.68 0.11
C THR A 150 24.00 -0.35 -0.54
N PRO A 151 22.72 -0.01 -0.73
CA PRO A 151 21.77 -1.00 -1.22
C PRO A 151 22.12 -1.55 -2.62
N LYS A 152 22.74 -0.74 -3.48
CA LYS A 152 23.17 -1.23 -4.79
C LYS A 152 24.11 -2.43 -4.61
N LEU A 153 24.94 -2.38 -3.56
CA LEU A 153 25.88 -3.45 -3.28
C LEU A 153 25.23 -4.62 -2.54
N GLY A 154 23.98 -4.45 -2.14
CA GLY A 154 23.24 -5.52 -1.51
C GLY A 154 23.03 -5.42 0.00
N THR A 155 23.51 -4.35 0.63
CA THR A 155 23.39 -4.23 2.08
C THR A 155 23.05 -2.82 2.51
N ILE A 156 22.26 -2.73 3.58
CA ILE A 156 22.00 -1.46 4.24
C ILE A 156 22.24 -1.60 5.74
N GLY A 157 22.38 -0.46 6.42
CA GLY A 157 22.55 -0.47 7.86
C GLY A 157 21.24 -0.25 8.59
N LEU A 158 21.07 -0.97 9.69
CA LEU A 158 19.93 -0.82 10.58
C LEU A 158 20.39 -0.25 11.92
N HIS A 159 19.77 0.84 12.36
CA HIS A 159 19.99 1.41 13.68
C HIS A 159 18.77 1.20 14.55
N GLN A 160 18.87 0.31 15.53
CA GLN A 160 17.70 0.03 16.35
C GLN A 160 17.36 1.21 17.27
N VAL A 161 16.08 1.50 17.42
CA VAL A 161 15.61 2.56 18.33
C VAL A 161 14.57 2.09 19.36
N GLN A 162 13.86 1.01 19.09
CA GLN A 162 12.87 0.43 20.02
C GLN A 162 13.03 -1.09 19.97
N GLY A 163 13.67 -1.66 20.98
CA GLY A 163 13.91 -3.10 20.99
C GLY A 163 15.26 -3.51 20.43
N ASN A 164 15.53 -4.80 20.44
CA ASN A 164 16.81 -5.33 19.98
C ASN A 164 16.65 -6.16 18.71
N ILE A 165 17.47 -5.85 17.71
CA ILE A 165 17.48 -6.61 16.47
C ILE A 165 18.18 -7.95 16.66
N ALA A 166 17.57 -9.02 16.16
CA ALA A 166 18.18 -10.35 16.23
C ALA A 166 19.15 -10.58 15.06
N SER A 167 20.25 -11.25 15.35
CA SER A 167 21.25 -11.58 14.35
C SER A 167 20.83 -12.76 13.50
N ASN A 168 21.25 -12.79 12.24
CA ASN A 168 21.09 -13.96 11.39
C ASN A 168 19.66 -14.44 11.23
N GLN A 169 18.73 -13.51 10.99
CA GLN A 169 17.33 -13.88 10.81
C GLN A 169 16.72 -13.22 9.58
N GLN A 170 15.85 -13.96 8.90
CA GLN A 170 15.07 -13.41 7.81
C GLN A 170 14.14 -12.33 8.35
N SER A 171 14.21 -11.15 7.76
CA SER A 171 13.59 -9.97 8.34
C SER A 171 12.88 -9.14 7.30
N LYS A 172 11.83 -8.44 7.74
CA LYS A 172 11.11 -7.51 6.91
C LYS A 172 11.07 -6.17 7.62
N PHE A 173 11.27 -5.10 6.86
CA PHE A 173 11.14 -3.74 7.38
C PHE A 173 9.90 -3.10 6.78
N THR A 174 8.99 -2.66 7.65
CA THR A 174 7.77 -1.97 7.26
C THR A 174 7.93 -0.50 7.59
N PRO A 175 7.91 0.38 6.56
CA PRO A 175 8.09 1.80 6.83
C PRO A 175 6.91 2.42 7.57
N VAL A 176 7.21 3.43 8.39
CA VAL A 176 6.17 4.15 9.10
C VAL A 176 6.27 5.67 8.91
N GLY A 177 7.48 6.22 8.97
CA GLY A 177 7.61 7.67 8.86
C GLY A 177 9.04 8.09 8.67
N ILE A 178 9.30 9.37 8.87
CA ILE A 178 10.60 9.98 8.69
C ILE A 178 11.07 10.56 10.01
N ALA A 179 12.35 10.41 10.31
CA ALA A 179 12.95 11.00 11.49
C ALA A 179 13.99 12.01 11.07
N VAL A 180 14.07 13.12 11.80
CA VAL A 180 15.18 14.05 11.70
C VAL A 180 15.84 14.06 13.07
N ASN A 181 17.08 13.58 13.12
CA ASN A 181 17.83 13.60 14.36
C ASN A 181 18.88 14.69 14.31
N GLY A 182 19.83 14.64 15.24
CA GLY A 182 20.78 15.72 15.43
C GLY A 182 21.59 16.10 14.21
N ASN A 183 21.90 15.15 13.34
CA ASN A 183 22.70 15.46 12.16
C ASN A 183 22.15 14.90 10.86
N THR A 184 20.83 14.72 10.78
CA THR A 184 20.23 14.21 9.55
C THR A 184 18.97 14.96 9.14
N PRO A 185 19.14 16.16 8.59
CA PRO A 185 18.02 16.87 7.97
C PRO A 185 17.41 15.98 6.87
N PHE A 186 16.13 16.19 6.60
CA PHE A 186 15.45 15.48 5.53
C PHE A 186 15.60 16.25 4.21
N ARG A 187 16.12 15.58 3.17
CA ARG A 187 16.32 16.21 1.87
C ARG A 187 15.70 15.32 0.78
N GLN A 188 14.44 15.61 0.45
CA GLN A 188 13.68 14.72 -0.43
C GLN A 188 14.21 14.66 -1.85
N TRP A 189 14.96 15.68 -2.29
CA TRP A 189 15.43 15.71 -3.66
C TRP A 189 16.90 15.35 -3.79
N GLU A 190 17.53 14.97 -2.70
CA GLU A 190 18.90 14.49 -2.77
C GLU A 190 18.89 12.97 -2.74
N LEU A 191 19.57 12.36 -3.71
CA LEU A 191 19.59 10.90 -3.79
C LEU A 191 20.61 10.30 -2.82
N PRO A 192 20.30 9.10 -2.30
CA PRO A 192 21.37 8.34 -1.66
C PRO A 192 22.50 8.12 -2.66
N ASN A 193 23.69 7.87 -2.13
CA ASN A 193 24.73 7.26 -2.91
C ASN A 193 24.56 5.75 -2.74
N TYR A 194 23.87 5.14 -3.68
CA TYR A 194 23.41 3.77 -3.53
C TYR A 194 24.54 2.76 -3.36
N SER A 195 25.75 3.13 -3.80
CA SER A 195 26.93 2.29 -3.63
C SER A 195 27.96 2.92 -2.69
N GLY A 196 27.59 3.99 -2.00
CA GLY A 196 28.54 4.77 -1.24
C GLY A 196 29.09 5.94 -2.04
N ALA A 197 29.54 6.97 -1.33
CA ALA A 197 29.91 8.25 -1.95
C ALA A 197 31.03 8.17 -3.00
N LEU A 198 31.89 7.15 -2.93
CA LEU A 198 33.01 7.05 -3.86
C LEU A 198 32.63 6.43 -5.20
N THR A 199 31.38 6.03 -5.34
CA THR A 199 30.92 5.36 -6.55
C THR A 199 29.71 6.08 -7.11
N LEU A 200 29.71 6.32 -8.41
CA LEU A 200 28.58 6.97 -9.06
C LEU A 200 27.32 6.12 -8.97
N ASN A 201 26.17 6.79 -8.83
CA ASN A 201 24.89 6.13 -9.01
C ASN A 201 24.72 5.69 -10.46
N THR A 202 23.90 4.67 -10.67
CA THR A 202 23.71 4.06 -11.97
C THR A 202 22.22 3.89 -12.29
N ASN A 203 21.92 3.76 -13.59
CA ASN A 203 20.59 3.35 -14.03
C ASN A 203 19.49 4.28 -13.57
N LEU A 204 19.78 5.56 -13.44
CA LEU A 204 18.82 6.48 -12.86
C LEU A 204 17.70 6.85 -13.82
N ALA A 205 16.49 6.91 -13.29
CA ALA A 205 15.43 7.60 -13.99
C ALA A 205 15.88 9.05 -14.16
N PRO A 206 15.53 9.68 -15.29
CA PRO A 206 16.10 11.00 -15.60
C PRO A 206 15.56 12.13 -14.73
N ALA A 207 16.38 13.16 -14.56
CA ALA A 207 15.93 14.39 -13.91
C ALA A 207 14.79 15.00 -14.72
N VAL A 208 13.90 15.72 -14.05
CA VAL A 208 12.75 16.33 -14.69
C VAL A 208 12.70 17.81 -14.37
N GLY A 209 12.14 18.59 -15.28
CA GLY A 209 12.00 20.01 -15.06
C GLY A 209 11.15 20.60 -16.15
N PRO A 210 10.64 21.82 -15.92
CA PRO A 210 9.70 22.45 -16.87
C PRO A 210 10.30 22.77 -18.25
N ASN A 211 11.54 23.23 -18.31
CA ASN A 211 12.12 23.65 -19.59
C ASN A 211 11.16 24.54 -20.39
N PHE A 212 10.57 25.51 -19.72
CA PHE A 212 9.56 26.37 -20.32
C PHE A 212 9.39 27.55 -19.39
N PRO A 213 9.73 28.76 -19.88
CA PRO A 213 9.63 29.93 -19.00
C PRO A 213 8.24 30.03 -18.39
N GLY A 214 8.19 30.22 -17.08
CA GLY A 214 6.92 30.43 -16.41
C GLY A 214 6.20 29.14 -16.05
N GLU A 215 6.81 27.98 -16.34
CA GLU A 215 6.23 26.72 -15.92
C GLU A 215 6.94 26.14 -14.69
N GLN A 216 6.21 25.34 -13.93
CA GLN A 216 6.75 24.62 -12.78
C GLN A 216 6.18 23.22 -12.78
N ILE A 217 6.88 22.29 -12.15
CA ILE A 217 6.33 20.97 -11.91
C ILE A 217 5.17 21.08 -10.91
N LEU A 218 4.14 20.27 -11.17
CA LEU A 218 3.04 20.04 -10.23
C LEU A 218 3.24 18.66 -9.62
N PHE A 219 3.32 18.62 -8.29
CA PHE A 219 3.56 17.40 -7.54
C PHE A 219 2.33 16.91 -6.82
N PHE A 220 2.30 15.61 -6.55
CA PHE A 220 1.32 15.00 -5.68
C PHE A 220 2.01 14.85 -4.32
N ARG A 221 1.50 15.55 -3.31
CA ARG A 221 2.20 15.71 -2.03
C ARG A 221 1.52 14.96 -0.89
N SER A 222 2.33 14.36 -0.03
CA SER A 222 1.85 13.77 1.22
C SER A 222 2.57 14.36 2.41
N ASN A 223 1.81 14.68 3.45
CA ASN A 223 2.34 15.00 4.76
C ASN A 223 2.49 13.69 5.53
N VAL A 224 3.73 13.18 5.62
CA VAL A 224 3.97 11.85 6.18
C VAL A 224 4.37 11.93 7.65
N PRO A 225 4.20 10.83 8.40
CA PRO A 225 4.48 10.91 9.84
C PRO A 225 5.92 11.32 10.11
N SER A 226 6.06 12.24 11.07
CA SER A 226 7.34 12.78 11.47
C SER A 226 7.61 12.28 12.88
N VAL A 227 8.49 11.30 13.00
CA VAL A 227 8.61 10.57 14.27
C VAL A 227 9.65 11.12 15.23
N GLN A 228 10.52 11.99 14.72
CA GLN A 228 11.49 12.70 15.53
C GLN A 228 11.76 14.01 14.81
N GLY A 229 11.80 15.12 15.55
CA GLY A 229 11.90 16.43 14.97
C GLY A 229 10.55 17.12 15.00
N GLY A 230 10.55 18.42 15.30
CA GLY A 230 9.32 19.13 15.52
C GLY A 230 8.63 19.64 14.28
N GLN A 231 9.22 19.41 13.11
CA GLN A 231 8.63 19.91 11.88
C GLN A 231 7.90 18.83 11.09
N PRO A 232 6.82 19.21 10.41
CA PRO A 232 6.14 18.27 9.52
C PRO A 232 7.05 17.90 8.36
N ILE A 233 6.83 16.72 7.79
CA ILE A 233 7.62 16.23 6.67
C ILE A 233 6.72 16.08 5.45
N GLU A 234 7.13 16.66 4.32
CA GLU A 234 6.38 16.58 3.07
C GLU A 234 7.17 15.79 2.04
N ILE A 235 6.49 14.88 1.36
CA ILE A 235 7.11 14.11 0.27
C ILE A 235 6.28 14.27 -1.00
N ASP A 236 6.94 14.73 -2.06
CA ASP A 236 6.32 15.01 -3.34
C ASP A 236 6.64 13.90 -4.33
N CYS A 237 5.62 13.41 -5.04
CA CYS A 237 5.90 12.48 -6.13
C CYS A 237 5.43 13.04 -7.46
N LEU A 238 5.99 12.52 -8.55
CA LEU A 238 5.71 13.05 -9.88
C LEU A 238 4.35 12.58 -10.40
N ILE A 239 4.03 11.31 -10.13
CA ILE A 239 2.74 10.72 -10.45
C ILE A 239 2.42 9.77 -9.30
N PRO A 240 1.13 9.61 -8.97
CA PRO A 240 0.78 8.71 -7.88
C PRO A 240 0.96 7.25 -8.27
N GLN A 241 0.98 6.38 -7.26
CA GLN A 241 1.23 4.96 -7.50
C GLN A 241 0.18 4.35 -8.43
N GLU A 242 -1.06 4.80 -8.33
CA GLU A 242 -2.11 4.26 -9.17
C GLU A 242 -1.89 4.60 -10.64
N TRP A 243 -1.23 5.72 -10.93
CA TRP A 243 -0.90 6.04 -12.32
C TRP A 243 0.23 5.14 -12.84
N VAL A 244 1.23 4.89 -12.00
CA VAL A 244 2.25 3.91 -12.35
C VAL A 244 1.58 2.59 -12.73
N SER A 245 0.67 2.13 -11.88
CA SER A 245 -0.01 0.86 -12.12
C SER A 245 -0.83 0.89 -13.41
N HIS A 246 -1.53 2.00 -13.63
CA HIS A 246 -2.38 2.17 -14.81
C HIS A 246 -1.58 2.16 -16.10
N PHE A 247 -0.52 2.97 -16.15
CA PHE A 247 0.29 3.05 -17.37
C PHE A 247 0.94 1.70 -17.65
N TYR A 248 1.45 1.04 -16.62
CA TYR A 248 2.05 -0.27 -16.81
C TYR A 248 1.07 -1.25 -17.46
N GLN A 249 -0.17 -1.28 -16.98
CA GLN A 249 -1.19 -2.15 -17.56
C GLN A 249 -1.56 -1.75 -18.98
N GLU A 250 -1.87 -0.47 -19.17
CA GLU A 250 -2.41 -0.01 -20.44
C GLU A 250 -1.38 0.00 -21.56
N SER A 251 -0.19 0.50 -21.24
CA SER A 251 0.90 0.59 -22.21
C SER A 251 0.44 1.20 -23.52
N ALA A 252 -0.33 2.28 -23.45
CA ALA A 252 -0.81 2.95 -24.65
C ALA A 252 0.36 3.66 -25.33
N PRO A 253 0.50 3.51 -26.66
CA PRO A 253 1.58 4.24 -27.34
C PRO A 253 1.41 5.75 -27.25
N SER A 254 2.49 6.47 -26.97
CA SER A 254 2.42 7.92 -26.90
C SER A 254 2.43 8.50 -28.31
N GLN A 255 1.63 9.52 -28.53
CA GLN A 255 1.58 10.15 -29.86
C GLN A 255 2.43 11.41 -29.96
N SER A 256 2.88 11.92 -28.82
CA SER A 256 3.80 13.05 -28.77
C SER A 256 4.46 13.03 -27.40
N ASP A 257 5.32 14.01 -27.13
CA ASP A 257 5.94 14.12 -25.82
C ASP A 257 5.00 14.64 -24.74
N VAL A 258 3.86 15.19 -25.12
CA VAL A 258 3.01 15.91 -24.17
C VAL A 258 1.55 15.56 -24.33
N ALA A 259 0.96 15.03 -23.25
CA ALA A 259 -0.47 14.84 -23.15
C ALA A 259 -1.08 16.03 -22.42
N LEU A 260 -1.92 16.79 -23.12
CA LEU A 260 -2.66 17.85 -22.46
C LEU A 260 -3.73 17.21 -21.57
N VAL A 261 -3.75 17.63 -20.30
CA VAL A 261 -4.71 17.11 -19.34
C VAL A 261 -5.44 18.26 -18.66
N ARG A 262 -6.64 18.00 -18.20
CA ARG A 262 -7.45 18.99 -17.51
C ARG A 262 -7.92 18.42 -16.19
N TYR A 263 -7.78 19.19 -15.11
CA TYR A 263 -8.37 18.79 -13.84
C TYR A 263 -9.82 19.24 -13.88
N VAL A 264 -10.74 18.28 -13.85
CA VAL A 264 -12.15 18.59 -14.04
C VAL A 264 -12.98 18.28 -12.81
N ASN A 265 -14.05 19.03 -12.65
CA ASN A 265 -15.07 18.73 -11.66
C ASN A 265 -16.22 18.08 -12.41
N PRO A 266 -16.46 16.79 -12.17
CA PRO A 266 -17.46 16.07 -12.98
C PRO A 266 -18.90 16.47 -12.66
N ASP A 267 -19.11 17.14 -11.52
CA ASP A 267 -20.46 17.56 -11.15
C ASP A 267 -20.84 18.92 -11.73
N THR A 268 -19.89 19.85 -11.73
CA THR A 268 -20.13 21.17 -12.29
C THR A 268 -19.75 21.21 -13.77
N GLY A 269 -18.94 20.25 -14.20
CA GLY A 269 -18.50 20.16 -15.57
C GLY A 269 -17.33 21.08 -15.91
N ARG A 270 -16.89 21.85 -14.91
CA ARG A 270 -15.85 22.86 -15.13
C ARG A 270 -14.45 22.27 -15.16
N THR A 271 -13.62 22.81 -16.05
CA THR A 271 -12.18 22.59 -15.99
C THR A 271 -11.60 23.56 -14.95
N ILE A 272 -10.90 23.03 -13.97
CA ILE A 272 -10.29 23.84 -12.92
C ILE A 272 -9.00 24.46 -13.44
N PHE A 273 -8.16 23.64 -14.05
CA PHE A 273 -6.94 24.12 -14.70
C PHE A 273 -6.50 23.08 -15.71
N GLU A 274 -5.61 23.48 -16.61
CA GLU A 274 -5.00 22.54 -17.54
C GLU A 274 -3.51 22.40 -17.21
N ALA A 275 -2.95 21.28 -17.65
CA ALA A 275 -1.56 20.95 -17.35
C ALA A 275 -0.98 20.10 -18.47
N LYS A 276 0.34 20.00 -18.49
CA LYS A 276 1.05 19.19 -19.45
C LYS A 276 1.57 17.94 -18.74
N LEU A 277 1.10 16.78 -19.18
CA LEU A 277 1.60 15.50 -18.68
C LEU A 277 2.65 15.01 -19.67
N HIS A 278 3.90 15.07 -19.24
CA HIS A 278 5.03 14.78 -20.10
C HIS A 278 5.24 13.28 -20.23
N ARG A 279 5.71 12.85 -21.40
CA ARG A 279 5.93 11.43 -21.66
C ARG A 279 6.82 10.78 -20.61
N GLN A 280 7.78 11.55 -20.09
CA GLN A 280 8.70 11.04 -19.08
C GLN A 280 8.01 10.67 -17.77
N GLY A 281 6.79 11.16 -17.56
CA GLY A 281 6.00 10.80 -16.39
C GLY A 281 6.02 11.88 -15.31
N PHE A 282 5.71 13.12 -15.68
CA PHE A 282 5.58 14.20 -14.71
C PHE A 282 4.70 15.29 -15.32
N ILE A 283 4.21 16.19 -14.47
CA ILE A 283 3.27 17.23 -14.88
C ILE A 283 3.88 18.61 -14.70
N THR A 284 3.67 19.49 -15.68
CA THR A 284 3.94 20.90 -15.47
C THR A 284 2.70 21.76 -15.64
N ILE A 285 2.74 22.92 -15.00
CA ILE A 285 1.69 23.93 -15.07
C ILE A 285 2.33 25.30 -15.27
N ALA A 286 1.53 26.25 -15.76
CA ALA A 286 2.01 27.62 -15.89
C ALA A 286 1.72 28.35 -14.60
N ALA A 287 2.72 28.43 -13.74
CA ALA A 287 2.56 28.97 -12.40
C ALA A 287 3.92 29.42 -11.86
N THR A 288 3.90 30.36 -10.93
CA THR A 288 5.13 30.84 -10.28
C THR A 288 4.91 30.91 -8.79
N GLY A 289 5.77 30.24 -8.03
CA GLY A 289 5.71 30.30 -6.58
C GLY A 289 5.64 28.93 -5.95
N SER A 290 5.84 28.88 -4.64
CA SER A 290 5.75 27.64 -3.89
C SER A 290 4.45 27.65 -3.11
N ASN A 291 3.50 26.82 -3.52
CA ASN A 291 2.22 26.78 -2.86
C ASN A 291 1.40 25.56 -3.25
N PRO A 292 0.41 25.23 -2.41
CA PRO A 292 -0.53 24.18 -2.80
C PRO A 292 -1.31 24.61 -4.04
N VAL A 293 -1.79 23.62 -4.78
CA VAL A 293 -2.71 23.85 -5.86
C VAL A 293 -4.00 23.18 -5.44
N VAL A 294 -5.00 24.00 -5.13
CA VAL A 294 -6.24 23.53 -4.56
C VAL A 294 -7.14 22.91 -5.64
N VAL A 295 -7.76 21.78 -5.30
CA VAL A 295 -8.63 21.09 -6.24
C VAL A 295 -9.92 20.66 -5.55
N PRO A 296 -11.00 20.50 -6.33
CA PRO A 296 -12.23 19.96 -5.75
C PRO A 296 -12.02 18.50 -5.33
N PRO A 297 -12.57 18.09 -4.17
CA PRO A 297 -12.35 16.71 -3.71
C PRO A 297 -12.98 15.65 -4.62
N ASN A 298 -13.94 16.05 -5.46
CA ASN A 298 -14.57 15.12 -6.39
C ASN A 298 -13.92 15.14 -7.78
N GLY A 299 -12.93 16.01 -7.98
CA GLY A 299 -12.33 16.15 -9.30
C GLY A 299 -11.19 15.19 -9.60
N TYR A 300 -10.74 15.21 -10.85
CA TYR A 300 -9.63 14.38 -11.29
C TYR A 300 -9.10 14.88 -12.61
N PHE A 301 -7.87 14.49 -12.93
CA PHE A 301 -7.31 14.77 -14.24
C PHE A 301 -7.97 13.91 -15.30
N ARG A 302 -8.25 14.54 -16.43
CA ARG A 302 -8.78 13.86 -17.60
C ARG A 302 -7.86 14.16 -18.78
N PHE A 303 -7.53 13.12 -19.54
CA PHE A 303 -6.76 13.30 -20.76
C PHE A 303 -7.57 14.06 -21.81
N ASP A 304 -6.99 15.10 -22.37
CA ASP A 304 -7.63 15.88 -23.41
C ASP A 304 -7.17 15.43 -24.80
N SER A 305 -5.87 15.53 -25.05
CA SER A 305 -5.33 15.25 -26.37
C SER A 305 -3.81 15.27 -26.31
N TRP A 306 -3.19 14.62 -27.29
CA TRP A 306 -1.75 14.75 -27.49
C TRP A 306 -1.50 16.07 -28.19
N VAL A 307 -0.54 16.84 -27.68
CA VAL A 307 -0.21 18.13 -28.25
C VAL A 307 1.27 18.22 -28.58
N ASN A 308 1.62 19.26 -29.33
CA ASN A 308 3.00 19.53 -29.71
C ASN A 308 3.90 19.63 -28.48
N GLN A 309 5.16 19.23 -28.63
CA GLN A 309 6.08 19.21 -27.50
C GLN A 309 6.35 20.59 -26.92
N PHE A 310 5.99 21.65 -27.66
CA PHE A 310 6.21 23.02 -27.19
C PHE A 310 4.90 23.73 -26.81
N TYR A 311 3.83 22.96 -26.64
CA TYR A 311 2.52 23.51 -26.31
C TYR A 311 2.55 24.40 -25.07
N ALA A 312 1.92 25.57 -25.16
CA ALA A 312 1.87 26.51 -24.05
C ALA A 312 0.54 26.45 -23.31
N LEU A 313 0.60 26.54 -21.98
CA LEU A 313 -0.58 26.40 -21.13
C LEU A 313 -1.24 27.71 -20.73
N ALA A 314 -2.54 27.63 -20.45
CA ALA A 314 -3.24 28.71 -19.77
C ALA A 314 -2.73 28.83 -18.34
N PRO A 315 -2.41 30.06 -17.93
CA PRO A 315 -1.81 30.30 -16.61
C PRO A 315 -2.78 29.95 -15.48
N MET A 316 -2.22 29.48 -14.38
CA MET A 316 -3.00 29.15 -13.19
C MET A 316 -3.44 30.45 -12.51
N LYS B 10 -22.26 -0.27 -27.44
CA LYS B 10 -20.88 -0.69 -27.18
C LYS B 10 -20.75 -1.28 -25.78
N THR B 11 -20.52 -2.59 -25.71
CA THR B 11 -20.36 -3.27 -24.43
C THR B 11 -18.87 -3.44 -24.09
N LYS B 12 -18.44 -2.85 -22.99
CA LYS B 12 -17.05 -2.95 -22.57
C LYS B 12 -16.75 -4.37 -22.13
N PRO B 13 -15.67 -4.97 -22.67
CA PRO B 13 -15.29 -6.32 -22.27
C PRO B 13 -14.71 -6.33 -20.87
N PHE B 14 -14.95 -7.42 -20.16
CA PHE B 14 -14.37 -7.62 -18.86
C PHE B 14 -12.92 -8.08 -19.04
N THR B 15 -12.04 -7.65 -18.13
CA THR B 15 -10.63 -8.03 -18.14
C THR B 15 -10.10 -8.12 -16.71
N LEU B 16 -9.00 -8.86 -16.54
CA LEU B 16 -8.18 -8.80 -15.32
C LEU B 16 -6.91 -8.06 -15.67
N PRO B 17 -6.31 -7.37 -14.69
CA PRO B 17 -4.98 -6.82 -14.96
C PRO B 17 -4.01 -7.98 -15.15
N ILE B 18 -2.86 -7.72 -15.76
CA ILE B 18 -1.82 -8.72 -15.93
C ILE B 18 -0.78 -8.53 -14.84
N LEU B 19 -0.84 -9.39 -13.81
CA LEU B 19 -0.01 -9.26 -12.62
C LEU B 19 0.31 -10.67 -12.13
N THR B 20 1.59 -10.95 -11.96
CA THR B 20 2.00 -12.25 -11.42
C THR B 20 1.75 -12.27 -9.91
N ILE B 21 1.96 -13.43 -9.31
CA ILE B 21 1.68 -13.56 -7.89
C ILE B 21 2.57 -12.61 -7.07
N GLY B 22 3.78 -12.35 -7.56
CA GLY B 22 4.69 -11.41 -6.92
C GLY B 22 4.42 -9.95 -7.23
N GLU B 23 3.30 -9.69 -7.91
CA GLU B 23 2.87 -8.34 -8.26
C GLU B 23 1.47 -8.06 -7.71
N LEU B 24 1.07 -8.81 -6.68
CA LEU B 24 -0.27 -8.67 -6.11
C LEU B 24 -0.24 -8.33 -4.62
N THR B 25 -1.22 -7.55 -4.19
CA THR B 25 -1.35 -7.12 -2.79
C THR B 25 -2.59 -7.74 -2.15
N ASN B 26 -2.47 -8.20 -0.91
CA ASN B 26 -3.62 -8.63 -0.14
C ASN B 26 -4.57 -7.46 0.09
N SER B 27 -5.87 -7.71 -0.09
CA SER B 27 -6.89 -6.69 0.13
C SER B 27 -7.40 -6.65 1.57
N ARG B 28 -6.92 -7.55 2.42
CA ARG B 28 -7.35 -7.60 3.82
C ARG B 28 -6.26 -7.19 4.81
N PHE B 29 -5.02 -7.08 4.33
CA PHE B 29 -3.91 -6.62 5.15
C PHE B 29 -2.86 -6.11 4.18
N PRO B 30 -2.18 -5.00 4.49
CA PRO B 30 -1.20 -4.47 3.53
C PRO B 30 0.08 -5.30 3.48
N ALA B 31 0.07 -6.32 2.62
CA ALA B 31 1.19 -7.22 2.44
C ALA B 31 1.06 -7.84 1.05
N PRO B 32 2.19 -8.21 0.44
CA PRO B 32 2.13 -8.91 -0.83
C PRO B 32 1.49 -10.28 -0.69
N ILE B 33 0.83 -10.73 -1.74
CA ILE B 33 0.41 -12.12 -1.83
C ILE B 33 1.62 -13.04 -1.92
N ASP B 34 1.63 -14.09 -1.11
CA ASP B 34 2.70 -15.10 -1.07
C ASP B 34 2.31 -16.43 -1.72
N GLN B 35 1.02 -16.77 -1.66
CA GLN B 35 0.54 -18.07 -2.10
C GLN B 35 -0.88 -17.95 -2.61
N LEU B 36 -1.29 -18.91 -3.42
CA LEU B 36 -2.70 -19.18 -3.64
C LEU B 36 -3.03 -20.37 -2.74
N TYR B 37 -4.24 -20.40 -2.21
CA TYR B 37 -4.57 -21.40 -1.21
C TYR B 37 -6.04 -21.81 -1.34
N THR B 38 -6.33 -23.09 -1.14
CA THR B 38 -7.72 -23.55 -1.18
C THR B 38 -8.03 -24.40 0.06
N SER B 39 -9.30 -24.39 0.46
CA SER B 39 -9.77 -25.18 1.60
C SER B 39 -11.28 -25.29 1.52
N PRO B 40 -11.84 -26.39 2.04
CA PRO B 40 -13.30 -26.46 2.16
C PRO B 40 -13.85 -25.50 3.21
N ASN B 41 -13.01 -25.09 4.18
CA ASN B 41 -13.48 -24.25 5.28
C ASN B 41 -14.81 -24.73 5.86
N ALA B 42 -14.87 -26.03 6.14
CA ALA B 42 -16.12 -26.66 6.54
C ALA B 42 -16.80 -26.03 7.75
N ASP B 43 -16.03 -25.59 8.73
CA ASP B 43 -16.65 -25.15 9.97
C ASP B 43 -16.54 -23.65 10.27
N VAL B 44 -16.41 -22.85 9.21
CA VAL B 44 -16.44 -21.40 9.33
C VAL B 44 -17.38 -20.79 8.29
N VAL B 45 -17.80 -19.55 8.55
CA VAL B 45 -18.50 -18.74 7.57
C VAL B 45 -17.49 -17.73 7.00
N VAL B 46 -17.32 -17.74 5.68
CA VAL B 46 -16.37 -16.86 5.00
C VAL B 46 -17.08 -15.60 4.57
N GLN B 47 -16.85 -14.53 5.32
CA GLN B 47 -17.58 -13.29 5.10
C GLN B 47 -16.69 -12.06 5.37
N PRO B 48 -15.52 -12.00 4.71
CA PRO B 48 -14.66 -10.84 4.91
C PRO B 48 -15.33 -9.56 4.43
N GLN B 49 -14.91 -8.44 5.01
CA GLN B 49 -15.47 -7.14 4.67
C GLN B 49 -14.52 -6.23 3.89
N ASN B 50 -13.21 -6.49 3.99
CA ASN B 50 -12.23 -5.88 3.10
C ASN B 50 -11.98 -6.79 1.89
N GLY B 51 -11.56 -6.21 0.79
CA GLY B 51 -11.38 -6.97 -0.44
C GLY B 51 -12.67 -7.49 -1.04
N ARG B 52 -13.72 -6.68 -0.95
CA ARG B 52 -15.04 -7.04 -1.48
C ARG B 52 -15.44 -6.06 -2.58
N CYS B 53 -15.52 -6.59 -3.80
CA CYS B 53 -15.88 -5.77 -4.95
C CYS B 53 -16.49 -6.70 -5.97
N SER B 54 -17.63 -6.32 -6.54
CA SER B 54 -18.23 -7.09 -7.62
C SER B 54 -17.40 -6.94 -8.90
N LEU B 55 -17.60 -7.85 -9.83
CA LEU B 55 -16.86 -7.78 -11.09
C LEU B 55 -17.19 -6.54 -11.89
N ASP B 56 -18.37 -5.96 -11.66
CA ASP B 56 -18.72 -4.72 -12.35
C ASP B 56 -18.37 -3.46 -11.57
N GLY B 57 -17.61 -3.61 -10.49
CA GLY B 57 -16.95 -2.48 -9.87
C GLY B 57 -17.64 -1.85 -8.67
N GLU B 58 -18.56 -2.58 -8.04
CA GLU B 58 -19.21 -2.08 -6.82
C GLU B 58 -18.46 -2.53 -5.57
N LEU B 59 -17.88 -1.58 -4.85
CA LEU B 59 -17.21 -1.87 -3.58
C LEU B 59 -18.25 -2.18 -2.52
N GLN B 60 -17.92 -3.09 -1.61
CA GLN B 60 -18.85 -3.52 -0.57
C GLN B 60 -18.16 -3.63 0.78
N GLY B 61 -18.95 -3.83 1.84
CA GLY B 61 -18.38 -3.99 3.16
C GLY B 61 -17.64 -2.73 3.57
N THR B 62 -16.43 -2.90 4.08
CA THR B 62 -15.58 -1.77 4.45
C THR B 62 -14.49 -1.54 3.39
N THR B 63 -14.70 -2.04 2.19
CA THR B 63 -13.69 -1.98 1.15
C THR B 63 -13.54 -0.58 0.55
N GLN B 64 -12.28 -0.16 0.41
CA GLN B 64 -11.95 1.08 -0.28
C GLN B 64 -10.73 0.79 -1.18
N LEU B 65 -10.17 1.82 -1.82
CA LEU B 65 -9.25 1.61 -2.93
C LEU B 65 -7.76 1.59 -2.59
N LEU B 66 -7.37 2.22 -1.48
CA LEU B 66 -5.95 2.37 -1.17
C LEU B 66 -5.39 1.24 -0.32
N THR B 67 -4.23 0.75 -0.70
CA THR B 67 -3.52 -0.23 0.13
C THR B 67 -3.24 0.35 1.52
N THR B 68 -2.87 1.63 1.57
CA THR B 68 -2.46 2.30 2.81
C THR B 68 -3.59 2.48 3.82
N ALA B 69 -4.82 2.26 3.38
CA ALA B 69 -5.96 2.43 4.27
C ALA B 69 -6.42 1.11 4.90
N ILE B 70 -5.95 -0.02 4.37
CA ILE B 70 -6.38 -1.32 4.88
C ILE B 70 -5.80 -1.57 6.26
N CYS B 71 -6.66 -1.81 7.25
CA CYS B 71 -6.21 -1.97 8.63
C CYS B 71 -5.47 -0.74 9.17
N SER B 72 -5.81 0.42 8.61
CA SER B 72 -5.32 1.69 9.11
C SER B 72 -6.42 2.41 9.85
N TYR B 73 -6.03 3.30 10.76
CA TYR B 73 -6.99 4.12 11.48
C TYR B 73 -6.43 5.52 11.63
N ARG B 74 -7.34 6.48 11.76
CA ARG B 74 -6.99 7.89 11.82
C ARG B 74 -8.02 8.58 12.69
N GLY B 75 -7.59 9.57 13.47
CA GLY B 75 -8.53 10.34 14.26
C GLY B 75 -7.88 11.04 15.42
N MET B 76 -8.67 11.34 16.44
CA MET B 76 -8.21 12.06 17.61
C MET B 76 -8.16 11.12 18.81
N THR B 77 -7.05 11.11 19.52
CA THR B 77 -7.05 10.32 20.76
C THR B 77 -7.87 11.02 21.84
N SER B 78 -8.41 10.20 22.74
CA SER B 78 -9.17 10.63 23.90
C SER B 78 -8.24 11.08 25.03
N ASN B 79 -8.85 11.38 26.17
CA ASN B 79 -8.12 11.41 27.43
C ASN B 79 -7.91 9.99 27.93
N PRO B 80 -7.05 9.80 28.94
CA PRO B 80 -6.87 8.43 29.43
C PRO B 80 -8.18 7.80 29.91
N THR B 81 -8.38 6.52 29.61
CA THR B 81 -9.61 5.81 29.94
C THR B 81 -9.63 5.20 31.34
N ARG B 82 -8.44 4.98 31.89
CA ARG B 82 -8.25 4.20 33.12
C ARG B 82 -8.66 2.71 32.97
N ASP B 83 -8.80 2.25 31.73
CA ASP B 83 -9.05 0.84 31.44
C ASP B 83 -7.76 0.03 31.52
N TYR B 84 -7.87 -1.25 31.89
CA TYR B 84 -6.67 -2.08 32.09
C TYR B 84 -5.92 -2.36 30.78
N TRP B 85 -6.64 -2.35 29.66
CA TRP B 85 -6.05 -2.74 28.38
C TRP B 85 -5.96 -1.55 27.42
N ASP B 86 -7.10 -0.95 27.09
CA ASP B 86 -7.12 0.19 26.17
C ASP B 86 -7.00 1.48 26.93
N GLY B 87 -5.77 1.96 27.10
CA GLY B 87 -5.52 3.16 27.87
C GLY B 87 -6.00 4.44 27.22
N HIS B 88 -6.17 4.41 25.90
CA HIS B 88 -6.75 5.52 25.15
C HIS B 88 -7.75 4.98 24.17
N LEU B 89 -8.70 5.83 23.77
CA LEU B 89 -9.54 5.57 22.60
C LEU B 89 -9.06 6.44 21.44
N LEU B 90 -9.38 5.99 20.23
CA LEU B 90 -9.20 6.80 19.03
C LEU B 90 -10.58 7.08 18.45
N HIS B 91 -10.90 8.36 18.34
CA HIS B 91 -12.15 8.82 17.74
C HIS B 91 -11.92 8.96 16.24
N LEU B 92 -12.55 8.09 15.46
CA LEU B 92 -12.18 7.85 14.08
C LEU B 92 -12.77 8.84 13.09
N VAL B 93 -11.99 9.11 12.04
CA VAL B 93 -12.51 9.56 10.76
C VAL B 93 -12.23 8.43 9.77
N HIS B 94 -12.75 8.50 8.55
CA HIS B 94 -12.37 7.51 7.54
C HIS B 94 -10.88 7.70 7.20
N PRO B 95 -10.23 6.67 6.66
CA PRO B 95 -8.80 6.82 6.33
C PRO B 95 -8.49 7.98 5.38
N ASN B 96 -9.43 8.36 4.53
CA ASN B 96 -9.18 9.47 3.62
C ASN B 96 -9.35 10.83 4.30
N GLY B 97 -9.69 10.81 5.59
CA GLY B 97 -9.87 12.04 6.35
C GLY B 97 -11.31 12.52 6.44
N ALA B 98 -12.20 11.90 5.67
CA ALA B 98 -13.60 12.31 5.69
C ALA B 98 -14.23 12.03 7.05
N THR B 99 -15.05 12.97 7.52
CA THR B 99 -15.82 12.78 8.74
C THR B 99 -16.58 11.46 8.66
N TYR B 100 -16.57 10.71 9.76
CA TYR B 100 -17.30 9.45 9.83
C TYR B 100 -18.59 9.65 10.62
N ASP B 101 -19.70 9.30 9.97
CA ASP B 101 -21.03 9.38 10.57
C ASP B 101 -21.48 7.95 10.83
N PRO B 102 -21.63 7.56 12.11
CA PRO B 102 -22.00 6.17 12.44
C PRO B 102 -23.30 5.72 11.79
N THR B 103 -24.15 6.65 11.39
CA THR B 103 -25.42 6.31 10.73
C THR B 103 -25.24 5.97 9.25
N GLU B 104 -24.02 6.12 8.72
CA GLU B 104 -23.72 5.69 7.36
C GLU B 104 -24.06 4.20 7.21
N ASP B 105 -24.48 3.82 6.00
CA ASP B 105 -24.84 2.43 5.71
C ASP B 105 -23.59 1.59 5.45
N VAL B 106 -22.73 1.51 6.46
CA VAL B 106 -21.48 0.77 6.38
C VAL B 106 -21.30 -0.02 7.67
N PRO B 107 -20.50 -1.11 7.63
CA PRO B 107 -20.27 -1.84 8.88
C PRO B 107 -19.44 -1.07 9.91
N ALA B 108 -18.60 -0.16 9.40
CA ALA B 108 -17.58 0.52 10.19
C ALA B 108 -16.86 1.43 9.19
N PRO B 109 -15.95 2.31 9.66
CA PRO B 109 -15.20 3.13 8.71
C PRO B 109 -14.44 2.26 7.71
N PHE B 110 -14.21 2.79 6.53
CA PHE B 110 -13.52 2.02 5.51
C PHE B 110 -12.15 1.57 6.00
N GLY B 111 -11.78 0.34 5.65
CA GLY B 111 -10.47 -0.20 6.01
C GLY B 111 -10.37 -0.84 7.39
N THR B 112 -11.43 -0.72 8.20
CA THR B 112 -11.44 -1.32 9.53
C THR B 112 -11.09 -2.80 9.43
N GLN B 113 -10.31 -3.31 10.38
CA GLN B 113 -9.97 -4.73 10.36
C GLN B 113 -11.22 -5.61 10.41
N ASP B 114 -11.19 -6.72 9.68
CA ASP B 114 -12.37 -7.58 9.51
C ASP B 114 -12.17 -8.99 10.05
N PHE B 115 -11.27 -9.11 11.04
CA PHE B 115 -10.99 -10.36 11.71
C PHE B 115 -11.04 -10.13 13.21
N ARG B 116 -11.09 -11.22 13.99
CA ARG B 116 -10.93 -11.14 15.44
C ARG B 116 -9.47 -11.46 15.75
N GLY B 117 -8.77 -10.49 16.34
CA GLY B 117 -7.38 -10.69 16.65
C GLY B 117 -6.74 -9.37 17.04
N ILE B 118 -5.45 -9.42 17.34
CA ILE B 118 -4.74 -8.22 17.75
C ILE B 118 -3.91 -7.69 16.59
N LEU B 119 -4.28 -6.50 16.12
CA LEU B 119 -3.54 -5.80 15.10
C LEU B 119 -2.48 -4.94 15.76
N TYR B 120 -1.22 -5.12 15.36
CA TYR B 120 -0.12 -4.31 15.86
C TYR B 120 0.32 -3.31 14.82
N GLY B 121 0.65 -2.11 15.27
CA GLY B 121 1.23 -1.11 14.39
C GLY B 121 1.73 0.06 15.20
N VAL B 122 1.97 1.17 14.51
CA VAL B 122 2.57 2.33 15.14
C VAL B 122 1.66 3.53 15.03
N LEU B 123 1.41 4.17 16.16
CA LEU B 123 0.65 5.40 16.23
C LEU B 123 1.59 6.60 16.19
N THR B 124 1.34 7.53 15.26
CA THR B 124 2.09 8.76 15.17
C THR B 124 1.12 9.91 15.40
N GLN B 125 1.60 10.96 16.06
CA GLN B 125 0.72 12.04 16.52
C GLN B 125 1.35 13.41 16.22
N ASN B 126 1.22 14.39 17.10
CA ASN B 126 1.87 15.69 16.88
C ASN B 126 3.39 15.53 16.80
N PRO B 127 4.04 16.14 15.80
CA PRO B 127 5.51 16.16 15.81
C PRO B 127 6.03 16.75 17.11
N ARG B 128 7.12 16.19 17.61
CA ARG B 128 7.67 16.59 18.90
C ARG B 128 9.06 17.20 18.78
N ALA B 129 9.29 18.27 19.52
CA ALA B 129 10.61 18.89 19.59
C ALA B 129 11.52 18.07 20.50
N SER B 130 10.93 17.09 21.18
CA SER B 130 11.70 16.16 22.01
C SER B 130 12.93 15.65 21.28
N GLY B 131 14.04 15.52 22.01
CA GLY B 131 15.27 15.05 21.41
C GLY B 131 15.39 13.53 21.35
N ASP B 132 14.33 12.84 21.72
CA ASP B 132 14.37 11.37 21.77
C ASP B 132 14.11 10.70 20.42
N GLU B 133 14.85 9.63 20.15
CA GLU B 133 14.55 8.78 19.02
C GLU B 133 13.13 8.24 19.15
N ALA B 134 12.40 8.17 18.04
CA ALA B 134 11.07 7.57 18.02
C ALA B 134 10.11 8.26 19.00
N ALA B 135 10.34 9.53 19.29
CA ALA B 135 9.51 10.26 20.24
C ALA B 135 8.04 10.30 19.86
N ASN B 136 7.76 10.38 18.56
CA ASN B 136 6.40 10.49 18.05
C ASN B 136 5.98 9.25 17.27
N SER B 137 6.35 8.08 17.77
CA SER B 137 5.99 6.80 17.17
C SER B 137 5.81 5.76 18.27
N GLN B 138 4.56 5.44 18.60
CA GLN B 138 4.25 4.52 19.68
C GLN B 138 3.75 3.19 19.14
N GLY B 139 4.32 2.08 19.61
CA GLY B 139 3.79 0.77 19.24
C GLY B 139 2.49 0.52 19.98
N VAL B 140 1.48 0.02 19.26
CA VAL B 140 0.14 -0.14 19.82
C VAL B 140 -0.50 -1.42 19.31
N TYR B 141 -1.29 -2.03 20.19
CA TYR B 141 -2.14 -3.16 19.86
C TYR B 141 -3.59 -2.69 19.76
N ILE B 142 -4.25 -3.02 18.65
CA ILE B 142 -5.68 -2.76 18.47
C ILE B 142 -6.38 -4.12 18.37
N SER B 143 -6.96 -4.53 19.49
CA SER B 143 -7.64 -5.82 19.53
C SER B 143 -9.09 -5.68 19.14
N SER B 144 -9.49 -6.46 18.14
CA SER B 144 -10.90 -6.47 17.73
C SER B 144 -11.74 -7.45 18.56
N THR B 145 -11.19 -7.96 19.66
CA THR B 145 -11.99 -8.65 20.67
C THR B 145 -12.19 -7.77 21.89
N SER B 146 -11.55 -6.60 21.90
CA SER B 146 -11.70 -5.70 23.04
C SER B 146 -13.11 -5.16 23.14
N GLU B 147 -13.57 -4.95 24.36
CA GLU B 147 -14.85 -4.30 24.58
C GLU B 147 -14.87 -2.90 24.02
N LYS B 148 -13.69 -2.30 23.85
CA LYS B 148 -13.60 -0.93 23.33
C LYS B 148 -13.43 -0.89 21.82
N PHE B 149 -13.43 -2.06 21.16
CA PHE B 149 -13.40 -2.07 19.70
C PHE B 149 -14.81 -1.82 19.19
N THR B 150 -15.16 -0.56 19.00
CA THR B 150 -16.50 -0.20 18.58
C THR B 150 -16.45 0.76 17.39
N PRO B 151 -15.75 0.36 16.31
CA PRO B 151 -15.57 1.30 15.19
C PRO B 151 -16.87 1.75 14.55
N LYS B 152 -17.91 0.92 14.54
CA LYS B 152 -19.20 1.36 14.01
C LYS B 152 -19.68 2.61 14.75
N LEU B 153 -19.43 2.64 16.06
CA LEU B 153 -19.81 3.79 16.89
C LEU B 153 -18.85 4.98 16.74
N GLY B 154 -17.73 4.76 16.06
CA GLY B 154 -16.77 5.83 15.83
C GLY B 154 -15.53 5.79 16.71
N THR B 155 -15.38 4.76 17.54
CA THR B 155 -14.23 4.69 18.44
C THR B 155 -13.64 3.29 18.54
N ILE B 156 -12.32 3.24 18.69
CA ILE B 156 -11.64 1.99 18.99
C ILE B 156 -10.69 2.17 20.16
N GLY B 157 -10.32 1.06 20.79
CA GLY B 157 -9.34 1.10 21.88
C GLY B 157 -7.92 0.89 21.40
N LEU B 158 -7.00 1.64 22.01
CA LEU B 158 -5.58 1.50 21.77
C LEU B 158 -4.89 1.01 23.04
N HIS B 159 -4.12 -0.07 22.90
CA HIS B 159 -3.32 -0.59 24.00
C HIS B 159 -1.85 -0.35 23.68
N GLN B 160 -1.21 0.57 24.39
CA GLN B 160 0.18 0.87 24.06
C GLN B 160 1.10 -0.26 24.48
N VAL B 161 2.08 -0.57 23.62
CA VAL B 161 3.07 -1.60 23.92
C VAL B 161 4.51 -1.11 23.83
N GLN B 162 4.74 -0.03 23.06
CA GLN B 162 6.07 0.59 22.97
C GLN B 162 5.88 2.09 23.01
N GLY B 163 6.24 2.72 24.12
CA GLY B 163 6.06 4.15 24.26
C GLY B 163 4.71 4.54 24.86
N ASN B 164 4.48 5.85 24.94
CA ASN B 164 3.31 6.40 25.58
C ASN B 164 2.45 7.18 24.59
N ILE B 165 1.16 6.86 24.55
CA ILE B 165 0.22 7.57 23.70
C ILE B 165 -0.13 8.93 24.30
N ALA B 166 -0.07 9.98 23.47
CA ALA B 166 -0.47 11.32 23.89
C ALA B 166 -1.98 11.49 23.80
N SER B 167 -2.55 12.17 24.79
CA SER B 167 -3.98 12.46 24.84
C SER B 167 -4.34 13.62 23.92
N ASN B 168 -5.55 13.57 23.38
CA ASN B 168 -6.13 14.70 22.65
C ASN B 168 -5.28 15.20 21.49
N GLN B 169 -4.77 14.27 20.68
CA GLN B 169 -4.00 14.63 19.51
C GLN B 169 -4.47 13.94 18.26
N GLN B 170 -4.39 14.65 17.13
CA GLN B 170 -4.63 14.05 15.83
C GLN B 170 -3.57 12.98 15.59
N SER B 171 -4.04 11.78 15.25
CA SER B 171 -3.19 10.60 15.23
C SER B 171 -3.46 9.72 14.03
N LYS B 172 -2.42 9.00 13.62
CA LYS B 172 -2.51 8.02 12.56
C LYS B 172 -1.96 6.69 13.07
N PHE B 173 -2.66 5.60 12.73
CA PHE B 173 -2.17 4.26 13.04
C PHE B 173 -1.74 3.58 11.74
N THR B 174 -0.47 3.16 11.68
CA THR B 174 0.07 2.44 10.53
C THR B 174 0.23 0.97 10.91
N PRO B 175 -0.50 0.07 10.24
CA PRO B 175 -0.41 -1.35 10.61
C PRO B 175 0.94 -1.97 10.26
N VAL B 176 1.38 -2.94 11.06
CA VAL B 176 2.62 -3.65 10.78
C VAL B 176 2.44 -5.16 10.78
N GLY B 177 1.69 -5.69 11.74
CA GLY B 177 1.52 -7.13 11.82
C GLY B 177 0.43 -7.52 12.80
N ILE B 178 0.46 -8.79 13.20
CA ILE B 178 -0.57 -9.36 14.07
C ILE B 178 0.13 -9.92 15.31
N ALA B 179 -0.52 -9.77 16.47
CA ALA B 179 -0.04 -10.36 17.70
C ALA B 179 -1.03 -11.40 18.18
N VAL B 180 -0.52 -12.46 18.79
CA VAL B 180 -1.36 -13.46 19.42
C VAL B 180 -0.94 -13.60 20.87
N ASN B 181 -1.91 -13.59 21.78
CA ASN B 181 -1.63 -13.91 23.15
C ASN B 181 -2.53 -15.04 23.65
N GLY B 182 -2.37 -15.40 24.92
CA GLY B 182 -3.06 -16.53 25.51
C GLY B 182 -4.57 -16.50 25.38
N ASN B 183 -5.15 -15.30 25.38
CA ASN B 183 -6.60 -15.22 25.27
C ASN B 183 -7.12 -14.58 23.99
N THR B 184 -6.23 -14.36 23.01
CA THR B 184 -6.65 -13.74 21.76
C THR B 184 -6.03 -14.42 20.54
N PRO B 185 -6.56 -15.60 20.19
CA PRO B 185 -6.11 -16.24 18.94
C PRO B 185 -6.48 -15.38 17.74
N PHE B 186 -5.75 -15.56 16.65
CA PHE B 186 -6.07 -14.86 15.42
C PHE B 186 -7.07 -15.68 14.63
N ARG B 187 -8.27 -15.12 14.43
CA ARG B 187 -9.36 -15.84 13.76
C ARG B 187 -9.81 -15.04 12.54
N GLN B 188 -9.26 -15.38 11.38
CA GLN B 188 -9.44 -14.54 10.19
C GLN B 188 -10.86 -14.58 9.65
N TRP B 189 -11.62 -15.62 9.97
CA TRP B 189 -12.98 -15.75 9.44
C TRP B 189 -14.05 -15.41 10.47
N GLU B 190 -13.62 -14.90 11.62
CA GLU B 190 -14.58 -14.38 12.59
C GLU B 190 -14.57 -12.87 12.52
N LEU B 191 -15.74 -12.27 12.33
CA LEU B 191 -15.82 -10.82 12.27
C LEU B 191 -15.75 -10.20 13.66
N PRO B 192 -15.22 -8.99 13.75
CA PRO B 192 -15.40 -8.21 14.99
C PRO B 192 -16.88 -7.97 15.19
N ASN B 193 -17.26 -7.64 16.42
CA ASN B 193 -18.54 -7.02 16.66
C ASN B 193 -18.29 -5.53 16.57
N TYR B 194 -18.62 -4.95 15.42
CA TYR B 194 -18.24 -3.59 15.12
C TYR B 194 -18.83 -2.55 16.08
N SER B 195 -19.94 -2.87 16.75
CA SER B 195 -20.51 -1.97 17.73
C SER B 195 -20.26 -2.39 19.18
N GLY B 196 -19.39 -3.38 19.36
CA GLY B 196 -19.05 -3.81 20.72
C GLY B 196 -19.62 -5.18 21.09
N ALA B 197 -19.24 -5.64 22.26
CA ALA B 197 -19.62 -6.99 22.68
C ALA B 197 -21.13 -7.20 22.60
N LEU B 198 -21.53 -8.34 22.04
CA LEU B 198 -22.92 -8.79 22.04
C LEU B 198 -23.86 -7.90 21.21
N THR B 199 -23.29 -7.16 20.26
CA THR B 199 -24.09 -6.36 19.32
C THR B 199 -24.12 -7.02 17.93
N LEU B 200 -25.05 -6.57 17.10
CA LEU B 200 -25.25 -7.11 15.75
C LEU B 200 -24.53 -6.30 14.69
N ASN B 201 -23.74 -6.96 13.85
CA ASN B 201 -23.13 -6.26 12.73
C ASN B 201 -24.16 -5.85 11.70
N THR B 202 -23.84 -4.79 10.97
CA THR B 202 -24.75 -4.21 10.00
C THR B 202 -24.06 -4.00 8.65
N ASN B 203 -24.87 -3.96 7.60
CA ASN B 203 -24.41 -3.52 6.29
C ASN B 203 -23.30 -4.39 5.72
N LEU B 204 -23.31 -5.67 6.05
CA LEU B 204 -22.23 -6.56 5.66
C LEU B 204 -22.28 -7.00 4.21
N ALA B 205 -21.10 -7.10 3.58
CA ALA B 205 -20.97 -7.86 2.35
C ALA B 205 -21.33 -9.31 2.69
N PRO B 206 -22.01 -10.03 1.77
CA PRO B 206 -22.51 -11.38 2.10
C PRO B 206 -21.43 -12.45 2.25
N ALA B 207 -21.78 -13.53 2.95
CA ALA B 207 -20.91 -14.70 3.01
C ALA B 207 -20.79 -15.30 1.61
N VAL B 208 -19.67 -15.98 1.38
CA VAL B 208 -19.42 -16.61 0.09
C VAL B 208 -19.08 -18.09 0.26
N GLY B 209 -19.33 -18.87 -0.78
CA GLY B 209 -18.98 -20.27 -0.77
C GLY B 209 -19.26 -20.87 -2.14
N PRO B 210 -18.76 -22.08 -2.37
CA PRO B 210 -19.02 -22.75 -3.64
C PRO B 210 -20.48 -23.19 -3.74
N ASN B 211 -21.00 -23.28 -4.97
CA ASN B 211 -22.35 -23.77 -5.20
C ASN B 211 -22.39 -24.71 -6.40
N PHE B 212 -21.35 -25.53 -6.52
CA PHE B 212 -21.25 -26.51 -7.59
C PHE B 212 -20.46 -27.68 -7.03
N PRO B 213 -20.90 -28.91 -7.35
CA PRO B 213 -20.24 -30.05 -6.71
C PRO B 213 -18.75 -30.12 -7.03
N GLY B 214 -17.94 -30.42 -6.03
CA GLY B 214 -16.51 -30.59 -6.21
C GLY B 214 -15.70 -29.30 -6.17
N GLU B 215 -16.36 -28.17 -5.90
CA GLU B 215 -15.66 -26.88 -5.92
C GLU B 215 -15.35 -26.35 -4.52
N GLN B 216 -14.26 -25.59 -4.44
CA GLN B 216 -13.83 -24.89 -3.23
C GLN B 216 -13.41 -23.49 -3.63
N ILE B 217 -13.45 -22.56 -2.69
CA ILE B 217 -12.90 -21.25 -2.94
C ILE B 217 -11.38 -21.33 -3.07
N LEU B 218 -10.85 -20.54 -4.00
CA LEU B 218 -9.41 -20.30 -4.11
C LEU B 218 -9.13 -18.89 -3.59
N PHE B 219 -8.19 -18.79 -2.64
CA PHE B 219 -7.86 -17.54 -1.96
C PHE B 219 -6.49 -17.06 -2.37
N PHE B 220 -6.28 -15.75 -2.24
CA PHE B 220 -4.97 -15.14 -2.37
C PHE B 220 -4.46 -14.93 -0.94
N ARG B 221 -3.37 -15.62 -0.59
CA ARG B 221 -2.92 -15.72 0.80
C ARG B 221 -1.62 -14.95 1.04
N SER B 222 -1.56 -14.28 2.19
CA SER B 222 -0.33 -13.67 2.68
C SER B 222 0.03 -14.21 4.06
N ASN B 223 1.30 -14.52 4.25
CA ASN B 223 1.85 -14.80 5.57
C ASN B 223 2.39 -13.49 6.13
N VAL B 224 1.62 -12.86 7.01
CA VAL B 224 1.94 -11.51 7.46
C VAL B 224 2.76 -11.55 8.75
N PRO B 225 3.45 -10.44 9.06
CA PRO B 225 4.34 -10.49 10.22
C PRO B 225 3.60 -10.80 11.51
N SER B 226 4.18 -11.70 12.31
CA SER B 226 3.66 -12.01 13.64
C SER B 226 4.59 -11.41 14.69
N VAL B 227 4.08 -10.44 15.44
CA VAL B 227 4.94 -9.71 16.36
C VAL B 227 4.95 -10.29 17.78
N GLN B 228 4.03 -11.21 18.04
CA GLN B 228 3.99 -11.93 19.31
C GLN B 228 3.32 -13.27 19.03
N GLY B 229 3.96 -14.35 19.45
CA GLY B 229 3.46 -15.69 19.16
C GLY B 229 4.20 -16.34 18.00
N GLY B 230 4.25 -17.67 17.99
CA GLY B 230 5.01 -18.39 16.97
C GLY B 230 4.23 -18.91 15.78
N GLN B 231 2.91 -18.83 15.83
CA GLN B 231 2.10 -19.32 14.72
C GLN B 231 2.25 -18.37 13.54
N PRO B 232 2.50 -18.93 12.36
CA PRO B 232 2.49 -18.07 11.17
C PRO B 232 1.09 -17.52 10.99
N ILE B 233 0.99 -16.23 10.69
CA ILE B 233 -0.32 -15.61 10.54
C ILE B 233 -0.67 -15.57 9.06
N GLU B 234 -1.71 -16.32 8.68
CA GLU B 234 -2.11 -16.41 7.28
C GLU B 234 -3.43 -15.67 7.07
N ILE B 235 -3.43 -14.76 6.11
CA ILE B 235 -4.62 -13.98 5.81
C ILE B 235 -5.00 -14.20 4.34
N ASP B 236 -6.21 -14.72 4.14
CA ASP B 236 -6.73 -15.07 2.82
C ASP B 236 -7.69 -13.99 2.34
N CYS B 237 -7.49 -13.48 1.12
CA CYS B 237 -8.47 -12.56 0.55
C CYS B 237 -9.14 -13.16 -0.68
N LEU B 238 -10.32 -12.65 -1.01
CA LEU B 238 -11.09 -13.21 -2.12
C LEU B 238 -10.53 -12.79 -3.48
N ILE B 239 -10.13 -11.54 -3.56
CA ILE B 239 -9.44 -10.98 -4.73
C ILE B 239 -8.40 -10.01 -4.19
N PRO B 240 -7.28 -9.85 -4.91
CA PRO B 240 -6.25 -8.92 -4.45
C PRO B 240 -6.67 -7.47 -4.62
N GLN B 241 -5.97 -6.58 -3.94
CA GLN B 241 -6.36 -5.18 -3.96
C GLN B 241 -6.32 -4.60 -5.37
N GLU B 242 -5.37 -5.05 -6.18
CA GLU B 242 -5.29 -4.57 -7.55
C GLU B 242 -6.53 -4.93 -8.37
N TRP B 243 -7.17 -6.05 -8.07
CA TRP B 243 -8.40 -6.41 -8.77
C TRP B 243 -9.56 -5.53 -8.30
N VAL B 244 -9.60 -5.22 -7.01
CA VAL B 244 -10.58 -4.25 -6.52
C VAL B 244 -10.44 -2.95 -7.32
N SER B 245 -9.21 -2.44 -7.42
CA SER B 245 -8.96 -1.20 -8.13
C SER B 245 -9.33 -1.31 -9.60
N HIS B 246 -8.99 -2.42 -10.22
CA HIS B 246 -9.24 -2.63 -11.64
C HIS B 246 -10.74 -2.67 -11.94
N PHE B 247 -11.49 -3.44 -11.16
CA PHE B 247 -12.92 -3.56 -11.40
C PHE B 247 -13.62 -2.23 -11.16
N TYR B 248 -13.20 -1.52 -10.11
CA TYR B 248 -13.75 -0.20 -9.85
C TYR B 248 -13.55 0.72 -11.05
N GLN B 249 -12.34 0.73 -11.62
CA GLN B 249 -12.03 1.58 -12.77
C GLN B 249 -12.82 1.17 -14.01
N GLU B 250 -12.78 -0.11 -14.34
CA GLU B 250 -13.35 -0.59 -15.59
C GLU B 250 -14.87 -0.58 -15.57
N SER B 251 -15.44 -1.03 -14.45
CA SER B 251 -16.88 -1.17 -14.32
C SER B 251 -17.50 -1.85 -15.53
N ALA B 252 -16.88 -2.92 -16.00
CA ALA B 252 -17.41 -3.64 -17.14
C ALA B 252 -18.65 -4.43 -16.72
N PRO B 253 -19.72 -4.38 -17.53
CA PRO B 253 -20.94 -5.12 -17.16
C PRO B 253 -20.67 -6.61 -17.06
N SER B 254 -21.23 -7.26 -16.05
CA SER B 254 -21.09 -8.71 -15.93
C SER B 254 -22.10 -9.39 -16.86
N GLN B 255 -21.60 -10.08 -17.87
CA GLN B 255 -22.46 -10.64 -18.89
C GLN B 255 -23.08 -11.98 -18.52
N SER B 256 -22.57 -12.59 -17.46
CA SER B 256 -23.23 -13.72 -16.83
C SER B 256 -22.80 -13.67 -15.36
N ASP B 257 -23.16 -14.69 -14.60
CA ASP B 257 -22.81 -14.73 -13.19
C ASP B 257 -21.42 -15.32 -12.97
N VAL B 258 -20.82 -15.87 -14.02
CA VAL B 258 -19.59 -16.63 -13.87
C VAL B 258 -18.62 -16.33 -15.00
N ALA B 259 -17.44 -15.81 -14.65
CA ALA B 259 -16.36 -15.58 -15.61
C ALA B 259 -15.37 -16.75 -15.53
N LEU B 260 -15.04 -17.33 -16.68
CA LEU B 260 -14.02 -18.36 -16.72
C LEU B 260 -12.64 -17.71 -16.85
N VAL B 261 -11.77 -18.01 -15.90
CA VAL B 261 -10.41 -17.47 -15.89
C VAL B 261 -9.42 -18.63 -15.90
N ARG B 262 -8.25 -18.38 -16.46
CA ARG B 262 -7.20 -19.38 -16.50
C ARG B 262 -5.90 -18.78 -16.01
N TYR B 263 -5.08 -19.61 -15.39
CA TYR B 263 -3.77 -19.19 -14.92
C TYR B 263 -2.77 -19.65 -15.97
N VAL B 264 -2.16 -18.69 -16.66
CA VAL B 264 -1.28 -19.01 -17.78
C VAL B 264 0.18 -18.85 -17.40
N ASN B 265 1.04 -19.70 -17.97
CA ASN B 265 2.47 -19.52 -17.88
C ASN B 265 2.96 -18.97 -19.21
N PRO B 266 3.33 -17.68 -19.25
CA PRO B 266 3.74 -17.09 -20.52
C PRO B 266 5.03 -17.70 -21.06
N ASP B 267 5.79 -18.36 -20.19
CA ASP B 267 7.03 -19.02 -20.60
C ASP B 267 6.76 -20.19 -21.54
N THR B 268 5.60 -20.81 -21.39
CA THR B 268 5.24 -21.97 -22.20
C THR B 268 4.02 -21.70 -23.08
N GLY B 269 3.26 -20.65 -22.74
CA GLY B 269 2.02 -20.35 -23.42
C GLY B 269 0.90 -21.29 -23.02
N ARG B 270 1.13 -22.11 -22.01
CA ARG B 270 0.14 -23.11 -21.61
C ARG B 270 -0.51 -22.70 -20.30
N THR B 271 -1.76 -23.10 -20.10
CA THR B 271 -2.37 -22.82 -18.82
C THR B 271 -2.14 -23.92 -17.81
N ILE B 272 -2.14 -23.49 -16.55
CA ILE B 272 -1.83 -24.33 -15.41
C ILE B 272 -3.11 -24.90 -14.82
N PHE B 273 -4.11 -24.05 -14.70
CA PHE B 273 -5.42 -24.48 -14.22
C PHE B 273 -6.46 -23.45 -14.63
N GLU B 274 -7.73 -23.79 -14.47
CA GLU B 274 -8.82 -22.88 -14.74
C GLU B 274 -9.73 -22.77 -13.51
N ALA B 275 -10.51 -21.72 -13.48
CA ALA B 275 -11.30 -21.40 -12.30
C ALA B 275 -12.50 -20.57 -12.69
N LYS B 276 -13.49 -20.52 -11.80
CA LYS B 276 -14.63 -19.62 -11.94
C LYS B 276 -14.43 -18.37 -11.10
N LEU B 277 -14.54 -17.22 -11.74
CA LEU B 277 -14.55 -15.95 -11.04
C LEU B 277 -16.00 -15.49 -11.02
N HIS B 278 -16.60 -15.59 -9.85
CA HIS B 278 -18.01 -15.29 -9.66
C HIS B 278 -18.28 -13.78 -9.66
N ARG B 279 -19.43 -13.39 -10.17
CA ARG B 279 -19.81 -11.98 -10.27
C ARG B 279 -19.70 -11.27 -8.92
N GLN B 280 -19.95 -12.01 -7.86
CA GLN B 280 -19.88 -11.49 -6.49
CA GLN B 280 -19.88 -11.49 -6.50
C GLN B 280 -18.47 -11.08 -6.08
N GLY B 281 -17.45 -11.58 -6.78
CA GLY B 281 -16.06 -11.21 -6.53
C GLY B 281 -15.26 -12.22 -5.74
N PHE B 282 -15.32 -13.49 -6.14
CA PHE B 282 -14.49 -14.52 -5.53
C PHE B 282 -14.34 -15.66 -6.53
N ILE B 283 -13.36 -16.53 -6.27
CA ILE B 283 -12.97 -17.57 -7.20
C ILE B 283 -13.25 -18.95 -6.63
N THR B 284 -13.75 -19.87 -7.46
CA THR B 284 -13.80 -21.26 -7.08
C THR B 284 -13.06 -22.12 -8.10
N ILE B 285 -12.57 -23.25 -7.60
CA ILE B 285 -11.85 -24.24 -8.41
C ILE B 285 -12.40 -25.62 -8.10
N ALA B 286 -12.20 -26.56 -9.01
CA ALA B 286 -12.56 -27.95 -8.79
C ALA B 286 -11.42 -28.63 -8.06
N ALA B 287 -11.53 -28.69 -6.74
CA ALA B 287 -10.44 -29.17 -5.90
C ALA B 287 -10.98 -29.68 -4.58
N THR B 288 -10.18 -30.49 -3.91
CA THR B 288 -10.50 -30.94 -2.56
C THR B 288 -9.28 -30.72 -1.68
N GLY B 289 -9.51 -30.56 -0.39
CA GLY B 289 -8.43 -30.47 0.57
C GLY B 289 -8.03 -29.05 0.90
N SER B 290 -7.21 -28.94 1.93
CA SER B 290 -6.69 -27.66 2.40
C SER B 290 -5.21 -27.62 2.10
N ASN B 291 -4.83 -26.85 1.09
CA ASN B 291 -3.43 -26.76 0.72
C ASN B 291 -3.17 -25.63 -0.26
N PRO B 292 -1.89 -25.29 -0.42
CA PRO B 292 -1.54 -24.27 -1.42
C PRO B 292 -1.82 -24.76 -2.82
N VAL B 293 -2.01 -23.81 -3.72
CA VAL B 293 -2.10 -24.09 -5.14
C VAL B 293 -0.84 -23.48 -5.76
N VAL B 294 0.03 -24.33 -6.28
CA VAL B 294 1.34 -23.89 -6.74
C VAL B 294 1.25 -23.31 -8.14
N VAL B 295 1.86 -22.15 -8.34
CA VAL B 295 1.90 -21.52 -9.65
C VAL B 295 3.31 -21.07 -9.99
N PRO B 296 3.62 -20.99 -11.29
CA PRO B 296 4.93 -20.47 -11.70
C PRO B 296 5.05 -18.99 -11.39
N PRO B 297 6.25 -18.52 -11.01
CA PRO B 297 6.43 -17.12 -10.65
C PRO B 297 6.03 -16.13 -11.74
N ASN B 298 6.17 -16.52 -13.00
CA ASN B 298 5.85 -15.62 -14.12
C ASN B 298 4.43 -15.75 -14.60
N GLY B 299 3.69 -16.68 -14.01
CA GLY B 299 2.32 -16.93 -14.46
C GLY B 299 1.36 -15.86 -13.99
N TYR B 300 0.19 -15.79 -14.62
CA TYR B 300 -0.83 -14.85 -14.18
C TYR B 300 -2.24 -15.30 -14.57
N PHE B 301 -3.21 -14.80 -13.83
CA PHE B 301 -4.61 -15.01 -14.16
C PHE B 301 -5.03 -14.20 -15.37
N ARG B 302 -5.95 -14.76 -16.14
CA ARG B 302 -6.41 -14.15 -17.37
C ARG B 302 -7.89 -14.48 -17.56
N PHE B 303 -8.69 -13.49 -17.98
CA PHE B 303 -10.09 -13.73 -18.30
C PHE B 303 -10.25 -14.28 -19.71
N ASP B 304 -10.94 -15.40 -19.82
CA ASP B 304 -11.13 -16.06 -21.10
C ASP B 304 -12.54 -15.90 -21.67
N SER B 305 -13.58 -16.14 -20.88
CA SER B 305 -14.94 -15.92 -21.38
C SER B 305 -15.96 -15.95 -20.25
N TRP B 306 -17.15 -15.45 -20.52
CA TRP B 306 -18.28 -15.68 -19.63
C TRP B 306 -18.77 -17.10 -19.85
N VAL B 307 -19.18 -17.78 -18.79
CA VAL B 307 -19.78 -19.09 -18.90
C VAL B 307 -21.00 -19.06 -17.99
N ASN B 308 -21.47 -20.20 -17.53
CA ASN B 308 -22.60 -20.13 -16.64
C ASN B 308 -22.44 -21.08 -15.48
N GLN B 309 -23.47 -21.14 -14.66
CA GLN B 309 -23.42 -21.89 -13.41
C GLN B 309 -23.22 -23.38 -13.65
N PHE B 310 -23.46 -23.86 -14.86
CA PHE B 310 -23.34 -25.29 -15.12
C PHE B 310 -21.98 -25.72 -15.68
N TYR B 311 -21.09 -24.76 -15.90
CA TYR B 311 -19.79 -25.08 -16.46
C TYR B 311 -19.00 -25.96 -15.51
N ALA B 312 -18.55 -27.12 -15.98
CA ALA B 312 -17.76 -28.02 -15.16
C ALA B 312 -16.29 -27.75 -15.40
N LEU B 313 -15.57 -27.35 -14.35
CA LEU B 313 -14.14 -27.06 -14.44
C LEU B 313 -13.29 -28.32 -14.56
N ALA B 314 -12.16 -28.20 -15.24
CA ALA B 314 -11.15 -29.25 -15.21
C ALA B 314 -10.63 -29.35 -13.77
N PRO B 315 -10.67 -30.56 -13.20
CA PRO B 315 -10.24 -30.75 -11.80
C PRO B 315 -8.76 -30.48 -11.61
N MET B 316 -8.41 -29.99 -10.42
CA MET B 316 -7.03 -29.88 -9.99
C MET B 316 -6.86 -30.88 -8.86
#